data_5ARD
#
_entry.id   5ARD
#
_cell.length_a   52.059
_cell.length_b   61.280
_cell.length_c   74.660
_cell.angle_alpha   90.00
_cell.angle_beta   90.00
_cell.angle_gamma   90.00
#
_symmetry.space_group_name_H-M   'P 21 21 21'
#
loop_
_entity.id
_entity.type
_entity.pdbx_description
1 polymer 'SUBTILISIN SAVINASE'
2 non-polymer 'CALCIUM ION'
3 non-polymer GLYCEROL
4 non-polymer 5-methyl-2-(5-methylpyridin-2-yl)pyridine
5 non-polymer 'NICKEL (II) ION'
6 non-polymer 'SULFATE ION'
7 water water
#
_entity_poly.entity_id   1
_entity_poly.type   'polypeptide(L)'
_entity_poly.pdbx_seq_one_letter_code
;AQSVPWGISRVQAPAAHNRGLTGSGVKVAVLDTGISTHPDLNIRGGASFVPGEPSTQDGNGHGTHVAGTIAALNNSIGVL
GVAPSAELYAVKVLGASGSGSVSSIAQGLEWAGNNGMHVANLSLGSPSPSATLEQAVNSATSRGVLVVAASGNSGAGSIS
YPARYANAMAVGATDQNNNRASFSQYGAGLDIVAPGVNVQSTYPGSTYASCNGTSMATPHVAGAAALVKQKNPSWSNVQI
RNHLKNTATSLGSTNLYGSGLVNAEAATR
;
_entity_poly.pdbx_strand_id   A
#
loop_
_chem_comp.id
_chem_comp.type
_chem_comp.name
_chem_comp.formula
CA non-polymer 'CALCIUM ION' 'Ca 2'
EI3 non-polymer 5-methyl-2-(5-methylpyridin-2-yl)pyridine 'C12 H12 N2'
GOL non-polymer GLYCEROL 'C3 H8 O3'
NI non-polymer 'NICKEL (II) ION' 'Ni 2'
SO4 non-polymer 'SULFATE ION' 'O4 S -2'
#
# COMPACT_ATOMS: atom_id res chain seq x y z
N ALA A 1 14.97 21.16 0.07
CA ALA A 1 15.67 20.05 -0.63
C ALA A 1 14.84 18.74 -0.41
N GLN A 2 14.76 17.94 -1.46
CA GLN A 2 14.01 16.66 -1.38
C GLN A 2 14.98 15.51 -1.18
N SER A 3 14.60 14.57 -0.34
CA SER A 3 15.38 13.32 -0.18
C SER A 3 14.58 12.14 -0.65
N VAL A 4 15.27 11.08 -1.05
CA VAL A 4 14.61 9.89 -1.59
C VAL A 4 14.81 8.79 -0.54
N PRO A 5 13.77 8.40 0.20
CA PRO A 5 13.93 7.35 1.16
C PRO A 5 14.52 6.09 0.55
N TRP A 6 15.30 5.34 1.35
CA TRP A 6 15.98 4.22 0.79
C TRP A 6 15.07 3.20 0.15
N GLY A 7 13.86 3.02 0.71
CA GLY A 7 12.97 2.02 0.14
C GLY A 7 12.42 2.35 -1.26
N ILE A 8 12.25 3.66 -1.51
CA ILE A 8 11.82 4.15 -2.82
C ILE A 8 12.87 3.76 -3.87
N SER A 9 14.16 4.00 -3.53
CA SER A 9 15.25 3.56 -4.40
C SER A 9 15.33 2.07 -4.50
N ARG A 10 15.12 1.35 -3.39
CA ARG A 10 15.23 -0.12 -3.39
C ARG A 10 14.23 -0.78 -4.37
N VAL A 11 13.01 -0.23 -4.45
CA VAL A 11 12.00 -0.72 -5.39
C VAL A 11 12.17 -0.15 -6.81
N GLN A 12 13.15 0.71 -6.96
CA GLN A 12 13.55 1.24 -8.27
C GLN A 12 12.48 2.14 -8.86
N ALA A 13 11.73 2.85 -7.99
CA ALA A 13 10.83 3.87 -8.49
C ALA A 13 11.48 5.01 -9.34
N PRO A 14 12.69 5.44 -9.00
CA PRO A 14 13.27 6.52 -9.81
C PRO A 14 13.46 6.11 -11.29
N ALA A 15 13.80 4.86 -11.58
CA ALA A 15 13.91 4.39 -12.97
C ALA A 15 12.58 4.57 -13.72
N ALA A 16 11.46 4.24 -13.05
CA ALA A 16 10.16 4.41 -13.66
C ALA A 16 9.88 5.93 -13.87
N HIS A 17 10.19 6.74 -12.86
CA HIS A 17 9.96 8.21 -13.00
C HIS A 17 10.74 8.76 -14.22
N ASN A 18 11.89 8.20 -14.47
CA ASN A 18 12.75 8.69 -15.59
C ASN A 18 12.17 8.31 -16.95
N ARG A 19 11.27 7.32 -17.01
CA ARG A 19 10.48 6.99 -18.20
C ARG A 19 9.18 7.78 -18.32
N GLY A 20 8.92 8.68 -17.39
CA GLY A 20 7.73 9.51 -17.39
C GLY A 20 6.56 8.82 -16.71
N LEU A 21 6.85 7.76 -15.95
CA LEU A 21 5.80 7.07 -15.20
C LEU A 21 5.81 7.50 -13.74
N THR A 22 4.69 8.08 -13.31
CA THR A 22 4.55 8.68 -11.99
C THR A 22 3.25 8.29 -11.31
N GLY A 23 2.39 7.50 -11.99
CA GLY A 23 1.05 7.21 -11.45
C GLY A 23 -0.03 8.21 -11.81
N SER A 24 0.28 9.15 -12.71
CA SER A 24 -0.70 10.13 -13.15
C SER A 24 -1.92 9.40 -13.71
N GLY A 25 -3.09 9.91 -13.36
CA GLY A 25 -4.33 9.30 -13.79
C GLY A 25 -4.81 8.08 -13.02
N VAL A 26 -4.06 7.64 -12.01
CA VAL A 26 -4.41 6.44 -11.27
C VAL A 26 -4.92 6.83 -9.90
N LYS A 27 -6.08 6.34 -9.53
CA LYS A 27 -6.75 6.63 -8.26
C LYS A 27 -6.39 5.59 -7.23
N VAL A 28 -5.73 6.01 -6.16
CA VAL A 28 -5.27 5.13 -5.07
C VAL A 28 -5.93 5.56 -3.76
N ALA A 29 -6.71 4.72 -3.13
CA ALA A 29 -7.36 4.98 -1.84
C ALA A 29 -6.50 4.42 -0.72
N VAL A 30 -6.26 5.20 0.29
CA VAL A 30 -5.56 4.75 1.50
C VAL A 30 -6.57 4.52 2.59
N LEU A 31 -6.82 3.25 2.93
CA LEU A 31 -7.84 2.90 3.92
C LEU A 31 -7.12 2.78 5.22
N ASP A 32 -7.21 3.82 6.06
CA ASP A 32 -6.32 3.89 7.20
C ASP A 32 -6.91 4.86 8.20
N THR A 33 -6.05 5.53 8.96
CA THR A 33 -6.42 6.47 9.98
C THR A 33 -6.73 7.89 9.45
N GLY A 34 -6.82 8.08 8.12
CA GLY A 34 -6.95 9.39 7.54
C GLY A 34 -5.68 9.77 6.83
N ILE A 35 -5.65 10.97 6.25
CA ILE A 35 -4.43 11.57 5.72
C ILE A 35 -4.45 13.02 6.08
N SER A 36 -3.43 13.50 6.78
CA SER A 36 -3.38 14.91 7.12
C SER A 36 -2.88 15.75 5.91
N THR A 37 -3.53 16.98 5.82
CA THR A 37 -3.00 17.99 4.90
C THR A 37 -1.51 18.21 5.18
N HIS A 38 -0.70 18.24 4.12
CA HIS A 38 0.75 18.26 4.23
C HIS A 38 1.33 18.84 2.97
N PRO A 39 2.42 19.60 3.10
CA PRO A 39 2.91 20.23 1.86
C PRO A 39 3.53 19.30 0.86
N ASP A 40 3.79 18.07 1.27
CA ASP A 40 4.31 17.05 0.35
C ASP A 40 3.28 16.00 -0.07
N LEU A 41 1.97 16.29 0.14
CA LEU A 41 0.88 15.45 -0.33
C LEU A 41 -0.18 16.27 -1.06
N ASN A 42 -0.78 15.65 -2.05
CA ASN A 42 -1.93 16.23 -2.78
C ASN A 42 -3.11 15.30 -2.58
N ILE A 43 -4.02 15.63 -1.69
CA ILE A 43 -5.11 14.74 -1.35
C ILE A 43 -6.32 15.17 -2.15
N ARG A 44 -6.82 14.30 -3.02
CA ARG A 44 -7.88 14.69 -3.97
CA ARG A 44 -7.91 14.68 -3.97
C ARG A 44 -9.30 14.57 -3.41
N GLY A 45 -9.48 13.79 -2.38
CA GLY A 45 -10.78 13.52 -1.87
C GLY A 45 -10.74 12.39 -0.88
N GLY A 46 -11.93 11.86 -0.60
CA GLY A 46 -12.03 10.75 0.35
C GLY A 46 -13.33 10.73 1.12
N ALA A 47 -13.38 9.93 2.16
CA ALA A 47 -14.56 9.74 3.00
C ALA A 47 -14.15 9.20 4.35
N SER A 48 -14.96 9.41 5.39
CA SER A 48 -14.74 8.80 6.68
C SER A 48 -15.86 7.83 7.06
N PHE A 49 -15.45 6.66 7.49
CA PHE A 49 -16.37 5.66 8.00
C PHE A 49 -16.16 5.41 9.49
N VAL A 50 -15.52 6.36 10.18
CA VAL A 50 -15.31 6.27 11.60
C VAL A 50 -16.30 7.23 12.28
N PRO A 51 -17.34 6.72 12.92
CA PRO A 51 -18.21 7.67 13.62
C PRO A 51 -17.46 8.54 14.63
N GLY A 52 -17.82 9.79 14.70
CA GLY A 52 -17.09 10.61 15.68
C GLY A 52 -15.82 11.23 15.13
N GLU A 53 -15.39 10.83 13.92
CA GLU A 53 -14.31 11.51 13.20
C GLU A 53 -14.84 11.75 11.78
N PRO A 54 -15.68 12.77 11.63
CA PRO A 54 -16.27 13.04 10.33
C PRO A 54 -15.25 13.54 9.28
N SER A 55 -14.11 14.07 9.72
CA SER A 55 -13.15 14.54 8.73
C SER A 55 -12.21 13.40 8.34
N THR A 56 -11.58 13.56 7.18
CA THR A 56 -10.62 12.54 6.73
C THR A 56 -9.21 12.86 7.19
N GLN A 57 -8.94 14.00 8.02
CA GLN A 57 -7.64 14.30 8.62
C GLN A 57 -7.20 13.22 9.58
N ASP A 58 -5.89 13.03 9.69
CA ASP A 58 -5.30 11.94 10.45
C ASP A 58 -4.95 12.37 11.90
N GLY A 59 -5.66 11.81 12.87
CA GLY A 59 -5.34 12.02 14.29
C GLY A 59 -4.34 11.03 14.90
N ASN A 60 -3.81 10.11 14.09
CA ASN A 60 -2.87 9.10 14.51
C ASN A 60 -1.46 9.28 13.98
N GLY A 61 -1.34 9.41 12.65
CA GLY A 61 -0.04 9.54 11.99
C GLY A 61 0.17 8.43 10.97
N HIS A 62 -0.37 7.22 11.26
CA HIS A 62 -0.07 6.07 10.43
C HIS A 62 -0.56 6.25 8.96
N GLY A 63 -1.79 6.72 8.75
CA GLY A 63 -2.29 6.89 7.40
C GLY A 63 -1.51 7.92 6.60
N THR A 64 -1.09 8.99 7.28
CA THR A 64 -0.31 10.02 6.60
C THR A 64 1.06 9.45 6.16
N HIS A 65 1.67 8.66 7.01
CA HIS A 65 2.95 8.01 6.69
C HIS A 65 2.80 7.06 5.47
N VAL A 66 1.81 6.20 5.57
CA VAL A 66 1.50 5.27 4.43
C VAL A 66 1.29 6.01 3.10
N ALA A 67 0.48 7.09 3.17
CA ALA A 67 0.20 7.89 1.99
C ALA A 67 1.46 8.45 1.34
N GLY A 68 2.38 8.93 2.12
CA GLY A 68 3.62 9.49 1.61
C GLY A 68 4.54 8.51 0.93
N THR A 69 4.47 7.22 1.32
CA THR A 69 5.25 6.22 0.62
C THR A 69 4.68 5.94 -0.78
N ILE A 70 3.34 6.02 -0.89
CA ILE A 70 2.73 5.91 -2.15
C ILE A 70 3.04 7.13 -3.02
N ALA A 71 2.81 8.31 -2.45
CA ALA A 71 2.58 9.48 -3.31
C ALA A 71 3.12 10.79 -2.81
N ALA A 72 4.17 10.79 -1.99
CA ALA A 72 4.81 12.08 -1.63
C ALA A 72 5.24 12.76 -2.94
N LEU A 73 4.95 14.07 -3.03
CA LEU A 73 5.11 14.84 -4.25
C LEU A 73 6.57 14.97 -4.66
N ASN A 74 6.80 15.00 -5.97
CA ASN A 74 8.14 15.16 -6.50
C ASN A 74 8.36 16.68 -6.73
N ASN A 75 9.13 17.26 -5.84
CA ASN A 75 9.30 18.69 -5.78
C ASN A 75 10.62 19.03 -5.12
N SER A 76 10.76 20.18 -4.46
CA SER A 76 12.03 20.56 -3.81
C SER A 76 12.00 20.42 -2.31
N ILE A 77 11.03 19.66 -1.76
CA ILE A 77 10.92 19.50 -0.33
C ILE A 77 10.67 18.02 0.04
N GLY A 78 10.90 17.71 1.30
CA GLY A 78 10.40 16.49 1.90
C GLY A 78 10.99 15.22 1.31
N VAL A 79 10.08 14.31 0.92
CA VAL A 79 10.45 12.97 0.44
C VAL A 79 9.83 12.79 -0.95
N LEU A 80 9.73 11.56 -1.43
CA LEU A 80 9.31 11.25 -2.77
C LEU A 80 8.61 9.92 -2.75
N GLY A 81 7.39 9.82 -3.26
CA GLY A 81 6.64 8.59 -3.26
C GLY A 81 7.03 7.70 -4.44
N VAL A 82 6.60 6.44 -4.36
CA VAL A 82 6.75 5.54 -5.51
C VAL A 82 6.02 6.06 -6.76
N ALA A 83 4.81 6.58 -6.51
CA ALA A 83 3.91 7.11 -7.57
C ALA A 83 3.51 8.53 -7.22
N PRO A 84 4.44 9.47 -7.40
CA PRO A 84 4.24 10.84 -6.90
C PRO A 84 3.14 11.65 -7.58
N SER A 85 2.61 11.17 -8.70
CA SER A 85 1.44 11.80 -9.34
C SER A 85 0.17 11.01 -9.20
N ALA A 86 0.16 9.96 -8.38
CA ALA A 86 -1.09 9.22 -8.12
C ALA A 86 -2.15 10.19 -7.55
N GLU A 87 -3.42 9.91 -7.85
CA GLU A 87 -4.55 10.64 -7.33
C GLU A 87 -4.94 10.00 -6.01
N LEU A 88 -4.61 10.69 -4.93
CA LEU A 88 -4.66 10.12 -3.58
C LEU A 88 -5.98 10.39 -2.89
N TYR A 89 -6.60 9.37 -2.30
CA TYR A 89 -7.88 9.51 -1.59
C TYR A 89 -7.75 9.01 -0.18
N ALA A 90 -8.19 9.83 0.78
CA ALA A 90 -8.12 9.51 2.17
C ALA A 90 -9.41 8.81 2.59
N VAL A 91 -9.36 7.51 2.86
CA VAL A 91 -10.55 6.74 3.26
C VAL A 91 -10.35 6.32 4.68
N LYS A 92 -10.96 7.07 5.60
CA LYS A 92 -10.73 6.82 7.01
C LYS A 92 -11.60 5.66 7.49
N VAL A 93 -10.93 4.57 7.83
CA VAL A 93 -11.57 3.36 8.38
C VAL A 93 -11.08 3.00 9.77
N LEU A 94 -10.01 3.65 10.25
CA LEU A 94 -9.43 3.45 11.56
C LEU A 94 -9.48 4.78 12.28
N GLY A 95 -9.79 4.75 13.59
CA GLY A 95 -9.78 5.97 14.37
C GLY A 95 -8.39 6.44 14.76
N ALA A 96 -8.37 7.56 15.51
CA ALA A 96 -7.14 8.14 16.01
C ALA A 96 -6.34 7.16 16.90
N SER A 97 -6.99 6.17 17.54
CA SER A 97 -6.33 5.10 18.32
C SER A 97 -5.55 4.13 17.46
N GLY A 98 -5.85 4.10 16.15
CA GLY A 98 -5.30 3.13 15.20
C GLY A 98 -6.16 1.88 15.01
N SER A 99 -7.27 1.79 15.72
CA SER A 99 -8.19 0.68 15.60
C SER A 99 -9.43 1.06 14.84
N GLY A 100 -10.02 0.06 14.17
CA GLY A 100 -11.30 0.27 13.52
C GLY A 100 -12.03 -1.04 13.60
N SER A 101 -13.12 -1.16 12.90
CA SER A 101 -13.90 -2.42 12.90
C SER A 101 -13.90 -3.01 11.51
N VAL A 102 -14.29 -4.28 11.42
CA VAL A 102 -14.43 -4.89 10.11
C VAL A 102 -15.53 -4.18 9.26
N SER A 103 -16.58 -3.67 9.91
CA SER A 103 -17.62 -2.91 9.17
C SER A 103 -17.06 -1.61 8.54
N SER A 104 -16.29 -0.87 9.34
CA SER A 104 -15.70 0.41 8.82
C SER A 104 -14.77 0.15 7.62
N ILE A 105 -13.95 -0.87 7.77
CA ILE A 105 -13.04 -1.26 6.72
C ILE A 105 -13.82 -1.71 5.47
N ALA A 106 -14.85 -2.55 5.67
CA ALA A 106 -15.72 -2.93 4.56
C ALA A 106 -16.40 -1.76 3.88
N GLN A 107 -16.87 -0.79 4.67
CA GLN A 107 -17.45 0.42 4.05
C GLN A 107 -16.44 1.20 3.24
N GLY A 108 -15.19 1.23 3.70
CA GLY A 108 -14.13 1.88 2.90
C GLY A 108 -13.92 1.20 1.57
N LEU A 109 -13.93 -0.15 1.60
CA LEU A 109 -13.77 -0.92 0.38
C LEU A 109 -14.95 -0.76 -0.56
N GLU A 110 -16.17 -0.71 -0.02
N GLU A 110 -16.16 -0.71 0.01
CA GLU A 110 -17.31 -0.45 -0.91
CA GLU A 110 -17.35 -0.40 -0.78
C GLU A 110 -17.29 0.97 -1.48
C GLU A 110 -17.21 0.94 -1.49
N TRP A 111 -16.79 1.95 -0.72
CA TRP A 111 -16.56 3.31 -1.25
C TRP A 111 -15.57 3.26 -2.44
N ALA A 112 -14.48 2.51 -2.26
CA ALA A 112 -13.46 2.49 -3.25
C ALA A 112 -14.01 1.91 -4.58
N GLY A 113 -14.76 0.82 -4.47
CA GLY A 113 -15.41 0.23 -5.61
C GLY A 113 -16.52 1.06 -6.21
N ASN A 114 -17.16 1.91 -5.43
CA ASN A 114 -18.21 2.77 -5.96
C ASN A 114 -17.66 4.02 -6.58
N ASN A 115 -16.40 4.37 -6.32
CA ASN A 115 -15.80 5.62 -6.73
C ASN A 115 -14.66 5.48 -7.70
N GLY A 116 -14.52 4.32 -8.30
CA GLY A 116 -13.57 4.13 -9.38
C GLY A 116 -12.11 4.11 -8.98
N MET A 117 -11.84 3.66 -7.73
CA MET A 117 -10.43 3.50 -7.31
C MET A 117 -9.79 2.39 -8.10
N HIS A 118 -8.56 2.60 -8.52
CA HIS A 118 -7.79 1.51 -9.18
C HIS A 118 -7.05 0.65 -8.14
N VAL A 119 -6.64 1.25 -7.04
CA VAL A 119 -5.84 0.59 -6.01
C VAL A 119 -6.38 0.99 -4.66
N ALA A 120 -6.49 0.05 -3.71
CA ALA A 120 -6.79 0.33 -2.33
C ALA A 120 -5.69 -0.26 -1.45
N ASN A 121 -5.08 0.62 -0.67
CA ASN A 121 -4.03 0.24 0.23
C ASN A 121 -4.58 0.00 1.64
N LEU A 122 -4.43 -1.24 2.13
CA LEU A 122 -4.94 -1.63 3.43
C LEU A 122 -3.75 -2.04 4.30
N SER A 123 -3.12 -1.05 4.93
CA SER A 123 -2.01 -1.37 5.88
C SER A 123 -2.62 -1.65 7.24
N LEU A 124 -3.28 -2.79 7.33
CA LEU A 124 -4.08 -3.17 8.52
C LEU A 124 -4.34 -4.66 8.46
N GLY A 125 -4.83 -5.22 9.55
CA GLY A 125 -5.14 -6.63 9.51
C GLY A 125 -5.33 -7.20 10.87
N SER A 126 -5.80 -8.43 10.87
CA SER A 126 -6.19 -9.14 12.11
C SER A 126 -5.85 -10.61 11.91
N PRO A 127 -5.60 -11.35 13.00
CA PRO A 127 -5.32 -12.77 12.81
C PRO A 127 -6.56 -13.61 12.49
N SER A 128 -7.76 -13.07 12.69
CA SER A 128 -8.97 -13.83 12.47
C SER A 128 -9.62 -13.49 11.15
N PRO A 129 -10.24 -14.48 10.51
CA PRO A 129 -11.01 -14.19 9.30
C PRO A 129 -12.35 -13.46 9.60
N SER A 130 -12.88 -12.79 8.60
CA SER A 130 -14.14 -12.00 8.73
C SER A 130 -14.94 -12.14 7.47
N ALA A 131 -16.18 -12.63 7.55
CA ALA A 131 -17.03 -12.73 6.39
C ALA A 131 -17.38 -11.34 5.80
N THR A 132 -17.63 -10.39 6.69
CA THR A 132 -17.90 -8.97 6.33
C THR A 132 -16.73 -8.41 5.54
N LEU A 133 -15.53 -8.61 6.04
CA LEU A 133 -14.35 -8.14 5.33
C LEU A 133 -14.08 -8.82 4.01
N GLU A 134 -14.19 -10.14 3.99
CA GLU A 134 -14.00 -10.89 2.77
C GLU A 134 -14.97 -10.50 1.64
N GLN A 135 -16.23 -10.37 2.02
N GLN A 135 -16.25 -10.37 1.96
CA GLN A 135 -17.25 -9.97 1.10
CA GLN A 135 -17.23 -9.98 0.96
C GLN A 135 -16.89 -8.63 0.43
C GLN A 135 -16.90 -8.59 0.39
N ALA A 136 -16.40 -7.70 1.23
CA ALA A 136 -16.07 -6.36 0.74
C ALA A 136 -14.78 -6.38 -0.15
N VAL A 137 -13.81 -7.18 0.23
CA VAL A 137 -12.64 -7.40 -0.60
C VAL A 137 -13.06 -7.91 -1.96
N ASN A 138 -13.95 -8.94 -1.98
CA ASN A 138 -14.38 -9.51 -3.26
C ASN A 138 -15.20 -8.55 -4.07
N SER A 139 -16.09 -7.81 -3.42
CA SER A 139 -16.91 -6.79 -4.08
C SER A 139 -16.02 -5.70 -4.76
N ALA A 140 -15.08 -5.16 -3.98
CA ALA A 140 -14.15 -4.16 -4.51
C ALA A 140 -13.37 -4.72 -5.72
N THR A 141 -12.92 -5.96 -5.62
CA THR A 141 -12.17 -6.63 -6.65
C THR A 141 -13.03 -6.78 -7.90
N SER A 142 -14.28 -7.17 -7.71
CA SER A 142 -15.17 -7.24 -8.87
C SER A 142 -15.42 -5.91 -9.51
N ARG A 143 -15.32 -4.80 -8.78
CA ARG A 143 -15.42 -3.46 -9.31
C ARG A 143 -14.05 -2.90 -9.75
N GLY A 144 -13.06 -3.76 -9.91
CA GLY A 144 -11.81 -3.43 -10.56
C GLY A 144 -10.75 -2.83 -9.64
N VAL A 145 -11.00 -2.85 -8.34
CA VAL A 145 -9.99 -2.35 -7.38
C VAL A 145 -8.95 -3.42 -7.10
N LEU A 146 -7.66 -3.05 -7.18
CA LEU A 146 -6.56 -3.93 -6.73
C LEU A 146 -6.37 -3.66 -5.26
N VAL A 147 -6.75 -4.61 -4.42
CA VAL A 147 -6.62 -4.50 -2.97
C VAL A 147 -5.25 -5.03 -2.52
N VAL A 148 -4.46 -4.16 -1.89
CA VAL A 148 -3.08 -4.46 -1.50
C VAL A 148 -3.06 -4.37 0.01
N ALA A 149 -2.66 -5.44 0.71
CA ALA A 149 -2.78 -5.49 2.17
C ALA A 149 -1.52 -6.04 2.87
N ALA A 150 -1.28 -5.54 4.08
CA ALA A 150 -0.10 -5.89 4.85
C ALA A 150 -0.20 -7.31 5.39
N SER A 151 0.91 -8.03 5.41
CA SER A 151 0.88 -9.42 5.93
C SER A 151 0.76 -9.51 7.44
N GLY A 152 1.18 -8.47 8.15
CA GLY A 152 1.11 -8.37 9.61
C GLY A 152 2.46 -8.43 10.30
N ASN A 153 2.49 -7.99 11.58
CA ASN A 153 3.71 -7.79 12.32
C ASN A 153 3.99 -8.81 13.46
N SER A 154 3.34 -9.98 13.44
CA SER A 154 3.58 -10.95 14.54
C SER A 154 4.81 -11.79 14.42
N GLY A 155 5.46 -11.78 13.26
CA GLY A 155 6.58 -12.65 12.94
C GLY A 155 6.25 -14.09 12.62
N ALA A 156 4.97 -14.43 12.60
CA ALA A 156 4.50 -15.79 12.37
C ALA A 156 4.64 -16.15 10.89
N GLY A 157 4.73 -17.57 10.66
CA GLY A 157 4.60 -18.23 9.38
C GLY A 157 3.19 -18.41 8.85
N SER A 158 2.30 -17.52 9.24
CA SER A 158 1.00 -17.41 8.58
C SER A 158 0.67 -15.92 8.55
N ILE A 159 -0.13 -15.53 7.56
CA ILE A 159 -0.39 -14.08 7.35
C ILE A 159 -1.78 -13.65 7.81
N SER A 160 -1.92 -12.36 8.10
CA SER A 160 -3.17 -11.79 8.62
C SER A 160 -4.25 -11.69 7.54
N TYR A 161 -5.46 -11.46 8.02
CA TYR A 161 -6.58 -11.05 7.17
C TYR A 161 -6.76 -9.54 7.17
N PRO A 162 -7.10 -8.92 6.03
CA PRO A 162 -7.52 -9.55 4.79
C PRO A 162 -6.43 -9.96 3.82
N ALA A 163 -5.15 -9.74 4.15
CA ALA A 163 -4.08 -10.15 3.20
C ALA A 163 -4.13 -11.63 2.75
N ARG A 164 -4.56 -12.50 3.66
CA ARG A 164 -4.64 -13.93 3.33
C ARG A 164 -5.66 -14.30 2.25
N TYR A 165 -6.66 -13.47 2.06
CA TYR A 165 -7.66 -13.74 1.04
C TYR A 165 -7.10 -13.73 -0.33
N ALA A 166 -7.57 -14.61 -1.20
CA ALA A 166 -7.07 -14.72 -2.55
C ALA A 166 -7.16 -13.42 -3.38
N ASN A 167 -8.23 -12.65 -3.11
CA ASN A 167 -8.42 -11.39 -3.83
C ASN A 167 -7.66 -10.22 -3.25
N ALA A 168 -6.85 -10.42 -2.22
CA ALA A 168 -5.95 -9.38 -1.74
C ALA A 168 -4.55 -9.71 -2.16
N MET A 169 -3.76 -8.69 -2.50
CA MET A 169 -2.36 -8.88 -2.76
C MET A 169 -1.59 -8.61 -1.45
N ALA A 170 -1.00 -9.66 -0.91
CA ALA A 170 -0.41 -9.67 0.42
C ALA A 170 1.06 -9.28 0.34
N VAL A 171 1.45 -8.29 1.15
CA VAL A 171 2.79 -7.70 1.17
C VAL A 171 3.51 -7.81 2.50
N GLY A 172 4.66 -8.48 2.47
CA GLY A 172 5.54 -8.58 3.66
C GLY A 172 6.67 -7.55 3.58
N ALA A 173 7.43 -7.46 4.65
CA ALA A 173 8.48 -6.40 4.77
C ALA A 173 9.87 -6.98 4.75
N THR A 174 10.75 -6.28 4.03
CA THR A 174 12.16 -6.58 3.98
C THR A 174 12.97 -5.46 4.62
N ASP A 175 14.22 -5.78 4.92
CA ASP A 175 15.21 -4.85 5.42
C ASP A 175 16.23 -4.49 4.37
N GLN A 176 17.21 -3.69 4.77
CA GLN A 176 18.18 -3.15 3.85
C GLN A 176 19.13 -4.22 3.30
N ASN A 177 19.15 -5.40 3.90
CA ASN A 177 19.94 -6.51 3.36
C ASN A 177 19.16 -7.41 2.42
N ASN A 178 17.88 -7.06 2.13
CA ASN A 178 16.97 -7.90 1.44
C ASN A 178 16.66 -9.23 2.14
N ASN A 179 16.65 -9.16 3.47
CA ASN A 179 16.12 -10.27 4.31
C ASN A 179 14.75 -9.86 4.84
N ARG A 180 13.94 -10.88 5.20
CA ARG A 180 12.69 -10.60 5.85
C ARG A 180 12.89 -9.91 7.15
N ALA A 181 12.15 -8.88 7.37
CA ALA A 181 12.15 -8.27 8.65
C ALA A 181 11.64 -9.21 9.74
N SER A 182 12.21 -9.14 10.94
CA SER A 182 11.90 -10.15 11.95
C SER A 182 10.40 -10.26 12.25
N PHE A 183 9.73 -9.12 12.19
CA PHE A 183 8.29 -9.07 12.50
C PHE A 183 7.39 -9.48 11.34
N SER A 184 7.93 -9.59 10.13
CA SER A 184 7.07 -9.67 8.94
C SER A 184 6.44 -11.04 8.84
N GLN A 185 5.12 -11.09 8.84
CA GLN A 185 4.43 -12.38 8.65
C GLN A 185 4.64 -12.96 7.28
N TYR A 186 4.66 -14.28 7.16
CA TYR A 186 4.91 -14.94 5.90
C TYR A 186 4.08 -16.23 5.81
N GLY A 187 4.24 -16.94 4.69
CA GLY A 187 3.55 -18.22 4.56
C GLY A 187 2.51 -18.14 3.48
N ALA A 188 1.51 -18.99 3.65
CA ALA A 188 0.50 -19.17 2.59
C ALA A 188 -0.23 -17.91 2.30
N GLY A 189 -0.35 -17.61 1.01
CA GLY A 189 -1.04 -16.40 0.63
C GLY A 189 -0.14 -15.17 0.43
N LEU A 190 1.11 -15.23 0.87
CA LEU A 190 2.01 -14.11 0.68
C LEU A 190 2.33 -13.92 -0.78
N ASP A 191 2.21 -12.70 -1.30
CA ASP A 191 2.39 -12.47 -2.75
C ASP A 191 3.74 -11.91 -3.10
N ILE A 192 4.25 -11.00 -2.24
CA ILE A 192 5.38 -10.13 -2.59
C ILE A 192 5.86 -9.44 -1.32
N VAL A 193 7.07 -8.83 -1.39
CA VAL A 193 7.59 -8.06 -0.28
C VAL A 193 8.16 -6.71 -0.76
N ALA A 194 8.33 -5.82 0.20
CA ALA A 194 8.86 -4.51 -0.02
C ALA A 194 9.52 -3.97 1.21
N PRO A 195 10.30 -2.87 1.08
CA PRO A 195 10.96 -2.34 2.24
C PRO A 195 10.03 -1.93 3.38
N GLY A 196 10.38 -2.32 4.59
CA GLY A 196 9.55 -2.08 5.76
C GLY A 196 10.27 -1.77 7.04
N VAL A 197 11.53 -1.38 6.95
CA VAL A 197 12.35 -1.05 8.12
C VAL A 197 12.94 0.33 7.90
N ASN A 198 12.86 1.19 8.92
CA ASN A 198 13.40 2.56 8.87
C ASN A 198 12.92 3.34 7.65
N VAL A 199 11.60 3.31 7.42
CA VAL A 199 10.97 3.96 6.28
C VAL A 199 10.55 5.36 6.65
N GLN A 200 11.20 6.34 6.06
CA GLN A 200 10.90 7.76 6.25
C GLN A 200 9.79 8.18 5.29
N SER A 201 8.82 8.89 5.81
CA SER A 201 7.69 9.40 5.03
C SER A 201 7.05 10.65 5.67
N THR A 202 6.01 11.17 5.06
CA THR A 202 5.26 12.30 5.55
C THR A 202 4.55 11.97 6.90
N TYR A 203 4.43 12.95 7.79
CA TYR A 203 3.84 12.73 9.09
C TYR A 203 3.09 13.99 9.48
N PRO A 204 1.99 13.87 10.23
CA PRO A 204 1.27 15.10 10.58
C PRO A 204 2.12 16.10 11.33
N GLY A 205 1.68 17.34 11.28
CA GLY A 205 2.52 18.46 11.79
C GLY A 205 3.43 18.94 10.72
N SER A 206 3.14 18.63 9.46
CA SER A 206 3.95 19.01 8.36
C SER A 206 5.43 18.59 8.48
N THR A 207 5.63 17.36 8.91
CA THR A 207 6.98 16.91 9.14
C THR A 207 7.17 15.52 8.54
N TYR A 208 8.21 14.82 8.96
CA TYR A 208 8.59 13.55 8.38
C TYR A 208 9.06 12.65 9.48
N ALA A 209 8.83 11.35 9.37
CA ALA A 209 9.16 10.43 10.42
C ALA A 209 9.41 9.06 9.84
N SER A 210 10.17 8.25 10.61
CA SER A 210 10.59 6.90 10.19
C SER A 210 9.90 5.83 10.99
N CYS A 211 9.37 4.81 10.27
CA CYS A 211 8.62 3.77 10.93
C CYS A 211 9.02 2.40 10.37
N ASN A 212 8.72 1.37 11.15
CA ASN A 212 8.93 -0.01 10.76
C ASN A 212 7.60 -0.71 10.71
N GLY A 213 7.40 -1.56 9.73
CA GLY A 213 6.22 -2.40 9.75
C GLY A 213 5.88 -2.90 8.36
N THR A 214 5.05 -3.95 8.32
CA THR A 214 4.46 -4.36 7.05
C THR A 214 3.50 -3.29 6.52
N SER A 215 2.99 -2.42 7.38
CA SER A 215 2.23 -1.23 6.96
C SER A 215 3.03 -0.30 6.06
N MET A 216 4.34 -0.30 6.21
CA MET A 216 5.23 0.55 5.38
C MET A 216 5.61 -0.10 4.10
N ALA A 217 5.70 -1.44 4.11
CA ALA A 217 5.94 -2.20 2.88
C ALA A 217 4.83 -2.10 1.84
N THR A 218 3.58 -2.30 2.33
CA THR A 218 2.34 -2.31 1.53
C THR A 218 2.28 -1.13 0.55
N PRO A 219 2.49 0.10 1.00
CA PRO A 219 2.34 1.23 0.06
C PRO A 219 3.40 1.29 -1.04
N HIS A 220 4.56 0.67 -0.85
CA HIS A 220 5.50 0.57 -1.92
C HIS A 220 4.89 -0.18 -3.12
N VAL A 221 4.16 -1.26 -2.77
CA VAL A 221 3.51 -2.11 -3.79
C VAL A 221 2.28 -1.39 -4.36
N ALA A 222 1.51 -0.73 -3.55
CA ALA A 222 0.38 0.08 -4.03
C ALA A 222 0.86 1.13 -5.03
N GLY A 223 1.98 1.79 -4.70
CA GLY A 223 2.56 2.73 -5.62
C GLY A 223 3.05 2.12 -6.94
N ALA A 224 3.69 0.96 -6.82
CA ALA A 224 4.19 0.25 -8.00
C ALA A 224 3.04 -0.18 -8.92
N ALA A 225 1.92 -0.59 -8.30
CA ALA A 225 0.72 -0.89 -9.08
C ALA A 225 0.24 0.33 -9.88
N ALA A 226 0.34 1.51 -9.29
CA ALA A 226 -0.06 2.70 -9.98
C ALA A 226 0.85 3.00 -11.16
N LEU A 227 2.15 2.79 -11.02
CA LEU A 227 3.07 2.95 -12.13
C LEU A 227 2.73 2.03 -13.29
N VAL A 228 2.46 0.76 -12.96
CA VAL A 228 2.10 -0.25 -13.94
C VAL A 228 0.78 0.13 -14.67
N LYS A 229 -0.18 0.64 -13.90
CA LYS A 229 -1.45 1.07 -14.47
C LYS A 229 -1.28 2.26 -15.40
N GLN A 230 -0.44 3.22 -15.06
CA GLN A 230 -0.25 4.33 -15.94
C GLN A 230 0.37 3.86 -17.26
N LYS A 231 1.37 2.97 -17.18
CA LYS A 231 1.97 2.42 -18.39
C LYS A 231 0.98 1.59 -19.19
N ASN A 232 0.08 0.89 -18.51
CA ASN A 232 -0.82 -0.06 -19.14
C ASN A 232 -2.29 0.21 -18.71
N PRO A 233 -2.87 1.30 -19.26
CA PRO A 233 -4.18 1.73 -18.79
C PRO A 233 -5.30 0.74 -19.02
N SER A 234 -5.16 -0.14 -20.00
CA SER A 234 -6.18 -1.14 -20.24
C SER A 234 -6.20 -2.34 -19.28
N TRP A 235 -5.14 -2.49 -18.48
CA TRP A 235 -5.03 -3.69 -17.67
C TRP A 235 -5.95 -3.66 -16.47
N SER A 236 -6.36 -4.86 -16.14
CA SER A 236 -7.19 -5.09 -14.96
C SER A 236 -6.34 -5.21 -13.67
N ASN A 237 -7.03 -5.20 -12.53
CA ASN A 237 -6.41 -5.49 -11.26
C ASN A 237 -5.58 -6.76 -11.31
N VAL A 238 -6.14 -7.86 -11.87
CA VAL A 238 -5.48 -9.17 -11.85
C VAL A 238 -4.23 -9.12 -12.69
N GLN A 239 -4.30 -8.43 -13.82
CA GLN A 239 -3.17 -8.29 -14.74
C GLN A 239 -2.02 -7.54 -14.08
N ILE A 240 -2.35 -6.50 -13.33
CA ILE A 240 -1.33 -5.68 -12.68
C ILE A 240 -0.68 -6.50 -11.56
N ARG A 241 -1.51 -7.17 -10.75
N ARG A 241 -1.51 -7.17 -10.74
CA ARG A 241 -0.99 -8.01 -9.68
CA ARG A 241 -1.01 -8.02 -9.66
C ARG A 241 -0.05 -9.10 -10.21
C ARG A 241 -0.06 -9.10 -10.20
N ASN A 242 -0.50 -9.78 -11.25
CA ASN A 242 0.34 -10.83 -11.84
C ASN A 242 1.63 -10.26 -12.42
N HIS A 243 1.59 -9.10 -13.05
CA HIS A 243 2.82 -8.52 -13.63
C HIS A 243 3.81 -8.09 -12.54
N LEU A 244 3.28 -7.55 -11.44
CA LEU A 244 4.14 -7.19 -10.31
C LEU A 244 4.86 -8.44 -9.77
N LYS A 245 4.14 -9.53 -9.62
CA LYS A 245 4.73 -10.77 -9.13
C LYS A 245 5.72 -11.36 -10.13
N ASN A 246 5.36 -11.34 -11.40
CA ASN A 246 6.22 -11.92 -12.44
C ASN A 246 7.53 -11.18 -12.57
N THR A 247 7.54 -9.88 -12.30
CA THR A 247 8.69 -9.01 -12.44
C THR A 247 9.44 -8.75 -11.13
N ALA A 248 9.01 -9.36 -10.03
CA ALA A 248 9.64 -9.17 -8.70
C ALA A 248 10.99 -9.90 -8.73
N THR A 249 11.92 -9.42 -7.94
CA THR A 249 13.21 -10.08 -7.80
C THR A 249 13.16 -11.16 -6.77
N SER A 250 13.47 -12.42 -7.17
CA SER A 250 13.50 -13.48 -6.16
C SER A 250 14.46 -13.23 -4.99
N LEU A 251 13.99 -13.46 -3.78
CA LEU A 251 14.86 -13.32 -2.59
C LEU A 251 15.14 -14.64 -1.90
C LEU A 251 15.20 -14.65 -1.95
N GLY A 252 14.77 -15.74 -2.54
N GLY A 252 14.91 -15.75 -2.66
CA GLY A 252 14.83 -17.04 -1.92
CA GLY A 252 15.48 -17.07 -2.34
C GLY A 252 13.41 -17.52 -1.69
C GLY A 252 14.53 -17.92 -1.51
N SER A 253 13.20 -18.06 -0.50
N SER A 253 13.27 -17.50 -1.36
CA SER A 253 12.00 -18.79 -0.20
CA SER A 253 12.29 -18.30 -0.61
C SER A 253 10.76 -18.06 -0.71
C SER A 253 10.85 -17.88 -0.89
N THR A 254 9.93 -18.76 -1.48
N THR A 254 10.08 -18.68 -1.60
CA THR A 254 8.60 -18.25 -1.79
CA THR A 254 8.64 -18.42 -1.78
C THR A 254 7.76 -18.24 -0.53
C THR A 254 7.87 -18.34 -0.43
N ASN A 255 8.10 -19.09 0.44
N ASN A 255 8.16 -19.22 0.51
CA ASN A 255 7.39 -19.09 1.72
CA ASN A 255 7.53 -19.17 1.84
C ASN A 255 7.70 -17.83 2.56
N LEU A 256 8.93 -17.33 2.58
CA LEU A 256 9.27 -16.10 3.28
C LEU A 256 8.93 -14.82 2.53
N TYR A 257 8.97 -14.87 1.21
CA TYR A 257 8.97 -13.68 0.34
C TYR A 257 7.91 -13.64 -0.75
N GLY A 258 7.14 -14.71 -0.91
CA GLY A 258 6.24 -14.81 -2.07
C GLY A 258 7.09 -14.71 -3.34
N SER A 259 6.64 -13.92 -4.29
CA SER A 259 7.41 -13.71 -5.54
C SER A 259 8.70 -12.99 -5.38
N GLY A 260 8.92 -12.35 -4.24
CA GLY A 260 10.13 -11.63 -3.98
C GLY A 260 9.95 -10.14 -3.86
N LEU A 261 11.03 -9.38 -4.12
CA LEU A 261 11.01 -7.93 -3.93
C LEU A 261 10.40 -7.20 -5.11
N VAL A 262 9.39 -6.37 -4.83
CA VAL A 262 8.80 -5.60 -5.90
C VAL A 262 9.87 -4.77 -6.68
N ASN A 263 9.71 -4.72 -8.01
CA ASN A 263 10.69 -4.01 -8.84
C ASN A 263 9.96 -3.18 -9.88
N ALA A 264 9.87 -1.90 -9.60
CA ALA A 264 9.14 -0.97 -10.46
C ALA A 264 9.86 -0.73 -11.80
N GLU A 265 11.18 -0.89 -11.85
CA GLU A 265 11.90 -0.79 -13.13
C GLU A 265 11.50 -1.95 -14.05
N ALA A 266 11.61 -3.17 -13.54
CA ALA A 266 11.27 -4.34 -14.32
C ALA A 266 9.79 -4.38 -14.69
N ALA A 267 8.93 -3.86 -13.80
CA ALA A 267 7.51 -3.91 -14.07
C ALA A 267 7.05 -2.86 -15.13
N THR A 268 7.86 -1.83 -15.38
CA THR A 268 7.44 -0.76 -16.31
C THR A 268 8.28 -0.76 -17.57
N ARG A 269 9.12 -1.78 -17.73
CA ARG A 269 9.94 -1.96 -18.92
C ARG A 269 8.99 -2.32 -20.05
CA CA B . 8.72 15.95 -2.06
C1 GOL C . -8.28 -2.68 12.93
O1 GOL C . -8.37 -2.44 14.31
C2 GOL C . -6.96 -3.32 12.58
O2 GOL C . -7.24 -3.91 11.33
C3 GOL C . -5.78 -2.38 12.40
O3 GOL C . -4.67 -3.14 11.85
C1 GOL D . -0.44 -8.54 -18.32
O1 GOL D . -1.27 -9.67 -18.52
C2 GOL D . 0.91 -9.08 -17.93
O2 GOL D . 1.41 -9.83 -19.01
C3 GOL D . 0.79 -10.01 -16.73
O3 GOL D . -0.47 -9.75 -16.12
C1 EI3 E . 6.49 5.17 13.12
C2 EI3 E . 6.27 6.41 13.95
C3 EI3 E . 6.90 7.61 13.71
C4 EI3 E . 6.68 8.74 14.50
C5 EI3 E . 5.84 8.59 15.56
N6 EI3 E . 5.28 7.40 15.79
C7 EI3 E . 5.46 6.34 15.07
C14 EI3 E . 5.49 9.69 16.50
N15 EI3 E . 4.77 9.38 17.60
C16 EI3 E . 4.42 10.34 18.50
C17 EI3 E . 4.79 11.68 18.28
C18 EI3 E . 5.49 12.01 17.14
C19 EI3 E . 5.85 10.99 16.25
C20 EI3 E . 4.39 12.76 19.25
NI NI F . 4.27 7.38 17.66
S SO4 G . 19.22 9.92 5.17
O1 SO4 G . 17.78 10.36 5.14
O2 SO4 G . 19.99 11.03 5.82
O3 SO4 G . 19.65 9.47 3.88
O4 SO4 G . 19.20 8.70 5.95
#